data_6Y02
#
_entry.id   6Y02
#
_cell.length_a   70.131
_cell.length_b   71.404
_cell.length_c   72.892
_cell.angle_alpha   90.000
_cell.angle_beta   100.510
_cell.angle_gamma   90.000
#
_symmetry.space_group_name_H-M   'C 1 2 1'
#
loop_
_entity.id
_entity.type
_entity.pdbx_description
1 polymer Prothrombin
2 polymer Prothrombin
3 polymer 'Hirudin variant-2'
4 non-polymer 'SODIUM ION'
5 non-polymer 'PHOSPHATE ION'
6 non-polymer 'DIMETHYL SULFOXIDE'
7 non-polymer GLYCEROL
8 non-polymer (2~{S})-1-[(2~{R})-2-azanyl-3-phenyl-propanoyl]-~{N}-[(5-bromanylfuran-2-yl)methyl]pyrrolidine-2-carboxamide
9 non-polymer 2-acetamido-2-deoxy-beta-D-glucopyranose
10 water water
#
loop_
_entity_poly.entity_id
_entity_poly.type
_entity_poly.pdbx_seq_one_letter_code
_entity_poly.pdbx_strand_id
1 'polypeptide(L)' TFGSGEADCGLRPLFEKKSLEDKTERELLESYIDGR L
2 'polypeptide(L)'
;IVEGSDAEIGMSPWQVMLFRKSPQELLCGASLISDRWVLTAAHCLLYPPWDKNFTENDLLVRIGKHSRTRYERNIEKISM
LEKIYIHPRYNWRENLDRDIALMKLKKPVAFSDYIHPVCLPDRETAASLLQAGYKGRVTGWGNLKETWTANVGKGQPSVL
QVVNLPIVERPVCKDSTRIRITDNMFCAGYKPDEGKRGDACEGDSGGPFVMKSPFNNRWYQMGIVSWGEGCDRDGKYGFY
THVFRLKKWIQKVIDQFGE
;
H
3 'polypeptide(L)' GDFEEIPEE(TYS)LQ C
#
loop_
_chem_comp.id
_chem_comp.type
_chem_comp.name
_chem_comp.formula
DMS non-polymer 'DIMETHYL SULFOXIDE' 'C2 H6 O S'
GOL non-polymer GLYCEROL 'C3 H8 O3'
NA non-polymer 'SODIUM ION' 'Na 1'
NAG D-saccharide, beta linking 2-acetamido-2-deoxy-beta-D-glucopyranose 'C8 H15 N O6'
O5Z non-polymer (2~{S})-1-[(2~{R})-2-azanyl-3-phenyl-propanoyl]-~{N}-[(5-bromanylfuran-2-yl)methyl]pyrrolidine-2-carboxamide 'C19 H22 Br N3 O3'
PO4 non-polymer 'PHOSPHATE ION' 'O4 P -3'
#
# COMPACT_ATOMS: atom_id res chain seq x y z
N GLU A 6 14.78 -2.50 8.82
CA GLU A 6 15.43 -3.79 9.23
C GLU A 6 16.54 -4.18 8.26
N ALA A 7 17.41 -5.07 8.73
CA ALA A 7 18.57 -5.46 7.93
C ALA A 7 18.15 -6.14 6.64
N ASP A 8 17.14 -7.00 6.68
N ASP A 8 17.11 -6.97 6.69
CA ASP A 8 16.69 -7.71 5.48
CA ASP A 8 16.64 -7.75 5.56
C ASP A 8 15.33 -7.21 5.02
C ASP A 8 15.33 -7.20 4.99
N CYS A 9 15.03 -5.93 5.23
CA CYS A 9 13.81 -5.36 4.65
C CYS A 9 13.83 -5.54 3.14
N GLY A 10 12.66 -5.77 2.59
CA GLY A 10 12.49 -5.74 1.15
C GLY A 10 12.98 -6.97 0.43
N LEU A 11 13.39 -8.01 1.17
CA LEU A 11 13.85 -9.26 0.59
C LEU A 11 12.84 -10.33 0.97
N ARG A 12 12.10 -10.81 0.00
CA ARG A 12 10.98 -11.69 0.28
C ARG A 12 11.44 -13.12 0.54
N PRO A 13 10.96 -13.76 1.61
CA PRO A 13 11.36 -15.15 1.88
C PRO A 13 11.14 -16.10 0.74
N LEU A 14 10.04 -15.97 -0.01
CA LEU A 14 9.73 -16.95 -1.05
C LEU A 14 10.27 -16.54 -2.41
N PHE A 15 10.95 -15.39 -2.51
CA PHE A 15 11.49 -14.91 -3.77
C PHE A 15 12.97 -14.57 -3.62
N GLU A 16 13.29 -13.33 -3.28
CA GLU A 16 14.69 -12.92 -3.21
C GLU A 16 15.53 -13.84 -2.31
N LYS A 17 15.00 -14.24 -1.16
N LYS A 17 14.97 -14.28 -1.19
CA LYS A 17 15.83 -15.03 -0.27
CA LYS A 17 15.75 -15.10 -0.26
C LYS A 17 16.21 -16.39 -0.86
C LYS A 17 16.02 -16.50 -0.80
N LYS A 18 15.40 -16.91 -1.79
N LYS A 18 15.31 -16.92 -1.85
CA LYS A 18 15.66 -18.19 -2.45
CA LYS A 18 15.55 -18.19 -2.52
C LYS A 18 16.10 -18.02 -3.90
C LYS A 18 16.19 -18.02 -3.89
N SER A 19 16.39 -16.78 -4.32
CA SER A 19 16.76 -16.49 -5.71
C SER A 19 15.71 -16.99 -6.71
N LEU A 20 14.43 -16.78 -6.38
CA LEU A 20 13.32 -17.02 -7.30
C LEU A 20 12.68 -15.69 -7.67
N GLU A 21 12.30 -15.56 -8.93
N GLU A 21 12.21 -15.61 -8.90
CA GLU A 21 11.62 -14.38 -9.41
CA GLU A 21 11.65 -14.40 -9.49
C GLU A 21 10.12 -14.60 -9.45
C GLU A 21 10.14 -14.55 -9.65
N ASP A 22 9.38 -13.53 -9.25
CA ASP A 22 7.95 -13.57 -9.47
C ASP A 22 7.66 -13.34 -10.95
N LYS A 23 6.40 -13.58 -11.33
CA LYS A 23 6.04 -13.66 -12.74
C LYS A 23 6.07 -12.31 -13.46
N THR A 24 6.05 -11.18 -12.75
CA THR A 24 6.04 -9.90 -13.45
C THR A 24 7.08 -8.89 -13.00
N GLU A 25 7.98 -9.24 -12.07
CA GLU A 25 8.98 -8.27 -11.66
C GLU A 25 9.89 -7.84 -12.80
N ARG A 26 10.08 -8.69 -13.81
CA ARG A 26 10.91 -8.30 -14.93
C ARG A 26 10.34 -7.09 -15.67
N GLU A 27 9.00 -6.94 -15.69
CA GLU A 27 8.39 -5.77 -16.30
C GLU A 27 8.84 -4.49 -15.62
N LEU A 28 8.96 -4.52 -14.31
CA LEU A 28 9.49 -3.37 -13.59
C LEU A 28 10.93 -3.10 -13.99
N LEU A 29 11.77 -4.13 -13.97
CA LEU A 29 13.18 -3.93 -14.28
C LEU A 29 13.36 -3.33 -15.67
N GLU A 30 12.61 -3.85 -16.65
CA GLU A 30 12.74 -3.37 -18.02
C GLU A 30 12.36 -1.90 -18.17
N SER A 31 11.56 -1.36 -17.25
CA SER A 31 11.17 0.03 -17.29
C SER A 31 12.23 0.96 -16.72
N TYR A 32 13.24 0.42 -16.00
CA TYR A 32 14.22 1.24 -15.29
C TYR A 32 15.36 1.50 -16.27
N ILE A 33 15.11 2.45 -17.16
CA ILE A 33 15.80 2.59 -18.42
C ILE A 33 16.79 3.73 -18.28
N ILE B 1 -8.39 -3.39 -7.00
CA ILE B 1 -7.47 -3.24 -8.12
C ILE B 1 -8.22 -3.58 -9.39
N VAL B 2 -8.17 -2.68 -10.38
CA VAL B 2 -8.82 -2.88 -11.68
C VAL B 2 -7.77 -3.37 -12.68
N GLU B 3 -8.12 -4.42 -13.42
CA GLU B 3 -7.27 -4.95 -14.50
C GLU B 3 -5.93 -5.45 -14.00
N GLY B 4 -5.91 -5.95 -12.76
CA GLY B 4 -4.75 -6.63 -12.22
C GLY B 4 -4.88 -8.13 -12.34
N SER B 5 -4.07 -8.83 -11.56
CA SER B 5 -4.11 -10.28 -11.53
C SER B 5 -3.94 -10.78 -10.09
N ASP B 6 -4.24 -12.05 -9.89
CA ASP B 6 -4.04 -12.66 -8.59
C ASP B 6 -2.55 -12.62 -8.21
N ALA B 7 -2.27 -12.22 -6.99
CA ALA B 7 -0.91 -12.27 -6.47
C ALA B 7 -0.45 -13.72 -6.32
N GLU B 8 0.85 -13.92 -6.44
CA GLU B 8 1.47 -15.18 -6.06
C GLU B 8 1.59 -15.27 -4.54
N ILE B 9 1.66 -16.50 -4.03
CA ILE B 9 1.84 -16.68 -2.60
C ILE B 9 3.15 -16.04 -2.16
N GLY B 10 3.10 -15.21 -1.13
CA GLY B 10 4.30 -14.58 -0.63
C GLY B 10 4.84 -13.45 -1.48
N MET B 11 4.07 -12.98 -2.47
CA MET B 11 4.57 -11.98 -3.40
C MET B 11 4.68 -10.60 -2.76
N SER B 12 3.83 -10.32 -1.76
CA SER B 12 3.76 -9.01 -1.11
C SER B 12 3.63 -9.25 0.39
N PRO B 13 4.69 -9.76 1.03
CA PRO B 13 4.57 -10.21 2.43
C PRO B 13 4.49 -9.07 3.42
N TRP B 14 4.65 -7.84 2.94
CA TRP B 14 4.42 -6.64 3.71
C TRP B 14 2.98 -6.13 3.63
N GLN B 15 2.12 -6.75 2.82
N GLN B 15 2.14 -6.75 2.81
CA GLN B 15 0.76 -6.25 2.67
CA GLN B 15 0.75 -6.35 2.71
C GLN B 15 -0.06 -6.53 3.93
C GLN B 15 0.09 -6.47 4.08
N VAL B 16 -0.75 -5.49 4.42
CA VAL B 16 -1.54 -5.52 5.64
C VAL B 16 -2.98 -5.17 5.27
N MET B 17 -3.93 -5.85 5.89
CA MET B 17 -5.34 -5.52 5.79
C MET B 17 -5.77 -4.83 7.07
N LEU B 18 -6.33 -3.62 6.94
N LEU B 18 -6.35 -3.63 6.94
CA LEU B 18 -6.98 -2.95 8.07
CA LEU B 18 -6.98 -2.97 8.06
C LEU B 18 -8.41 -3.45 8.14
C LEU B 18 -8.42 -3.43 8.15
N PHE B 19 -8.81 -3.91 9.32
CA PHE B 19 -10.06 -4.62 9.49
C PHE B 19 -10.88 -3.99 10.61
N ARG B 20 -12.14 -3.72 10.33
CA ARG B 20 -13.03 -3.16 11.33
C ARG B 20 -13.53 -4.28 12.24
N LYS B 21 -13.55 -4.03 13.54
CA LYS B 21 -13.97 -5.06 14.49
C LYS B 21 -15.46 -5.35 14.42
N SER B 22 -16.28 -4.31 14.33
CA SER B 22 -17.73 -4.51 14.32
C SER B 22 -18.37 -3.37 13.55
N PRO B 23 -19.07 -3.65 12.44
CA PRO B 23 -19.19 -4.96 11.80
C PRO B 23 -17.83 -5.39 11.26
N GLN B 24 -17.59 -6.70 11.16
CA GLN B 24 -16.32 -7.21 10.65
C GLN B 24 -16.26 -6.97 9.15
N GLU B 25 -15.34 -6.11 8.72
CA GLU B 25 -15.23 -5.80 7.30
C GLU B 25 -13.86 -5.19 7.00
N LEU B 26 -13.46 -5.31 5.74
CA LEU B 26 -12.24 -4.66 5.29
C LEU B 26 -12.43 -3.15 5.27
N LEU B 27 -11.43 -2.43 5.77
CA LEU B 27 -11.42 -0.97 5.72
C LEU B 27 -10.44 -0.40 4.72
N CYS B 28 -9.26 -0.99 4.61
CA CYS B 28 -8.19 -0.36 3.85
C CYS B 28 -7.05 -1.35 3.74
N GLY B 29 -6.11 -1.04 2.84
CA GLY B 29 -4.79 -1.65 2.87
C GLY B 29 -3.81 -0.85 3.72
N ALA B 30 -2.62 -1.42 3.86
CA ALA B 30 -1.55 -0.89 4.69
C ALA B 30 -0.30 -1.74 4.40
N SER B 31 0.81 -1.36 5.01
CA SER B 31 2.08 -2.06 4.78
C SER B 31 2.87 -2.20 6.07
N LEU B 32 3.59 -3.31 6.16
CA LEU B 32 4.44 -3.60 7.31
C LEU B 32 5.84 -3.03 7.07
N ILE B 33 6.30 -2.15 7.97
CA ILE B 33 7.61 -1.53 7.82
C ILE B 33 8.61 -1.95 8.90
N SER B 34 8.16 -2.62 9.95
CA SER B 34 9.03 -3.24 10.94
C SER B 34 8.19 -4.23 11.71
N ASP B 35 8.75 -4.84 12.75
CA ASP B 35 7.96 -5.80 13.51
C ASP B 35 6.84 -5.15 14.33
N ARG B 36 6.82 -3.82 14.47
CA ARG B 36 5.83 -3.16 15.32
C ARG B 36 5.12 -1.99 14.66
N TRP B 37 5.41 -1.68 13.40
CA TRP B 37 4.92 -0.46 12.77
C TRP B 37 4.30 -0.76 11.42
N VAL B 38 3.12 -0.19 11.19
CA VAL B 38 2.36 -0.33 9.97
C VAL B 38 2.08 1.06 9.42
N LEU B 39 2.26 1.20 8.11
CA LEU B 39 2.09 2.45 7.38
C LEU B 39 0.80 2.39 6.56
N THR B 40 0.01 3.47 6.58
CA THR B 40 -1.23 3.51 5.80
C THR B 40 -1.51 4.94 5.36
N ALA B 41 -2.65 5.12 4.69
CA ALA B 41 -3.13 6.45 4.36
C ALA B 41 -3.92 7.04 5.53
N ALA B 42 -3.71 8.34 5.77
CA ALA B 42 -4.48 9.02 6.81
C ALA B 42 -5.98 8.92 6.57
N HIS B 43 -6.43 8.98 5.31
CA HIS B 43 -7.86 8.98 5.02
C HIS B 43 -8.52 7.64 5.33
N CYS B 44 -7.73 6.58 5.53
CA CYS B 44 -8.25 5.33 6.03
C CYS B 44 -8.71 5.41 7.47
N LEU B 45 -8.19 6.38 8.21
CA LEU B 45 -8.49 6.52 9.63
C LEU B 45 -9.30 7.76 9.94
N LEU B 46 -9.15 8.82 9.13
CA LEU B 46 -9.73 10.12 9.44
C LEU B 46 -10.17 10.77 8.13
N TYR B 47 -11.48 10.92 7.97
CA TYR B 47 -12.03 11.61 6.81
C TYR B 47 -13.40 12.17 7.18
N PRO B 48 -13.43 13.37 7.75
CA PRO B 48 -14.69 13.93 8.29
C PRO B 48 -15.80 14.06 7.27
N PRO B 49 -15.51 14.34 5.99
CA PRO B 49 -16.63 14.43 5.02
C PRO B 49 -17.47 13.17 4.97
N TRP B 50 -16.90 12.02 5.33
CA TRP B 50 -17.60 10.75 5.34
C TRP B 50 -17.87 10.25 6.76
N ASP B 51 -17.73 11.14 7.75
CA ASP B 51 -17.97 10.80 9.16
C ASP B 51 -17.04 9.69 9.63
N LYS B 52 -15.82 9.65 9.09
N LYS B 52 -15.82 9.65 9.10
CA LYS B 52 -14.84 8.63 9.45
CA LYS B 52 -14.83 8.63 9.43
C LYS B 52 -13.83 9.23 10.42
C LYS B 52 -13.82 9.22 10.42
N ASN B 53 -13.71 8.59 11.59
CA ASN B 53 -12.72 8.99 12.58
C ASN B 53 -12.51 7.82 13.54
N PHE B 54 -11.69 6.86 13.13
CA PHE B 54 -11.49 5.64 13.89
C PHE B 54 -10.52 5.87 15.05
N THR B 55 -10.75 5.14 16.13
CA THR B 55 -9.83 5.03 17.26
C THR B 55 -9.17 3.65 17.23
N GLU B 56 -8.10 3.51 18.01
CA GLU B 56 -7.34 2.27 18.03
C GLU B 56 -8.24 1.07 18.28
N ASN B 57 -9.14 1.18 19.26
CA ASN B 57 -9.91 0.01 19.66
C ASN B 57 -10.96 -0.38 18.63
N ASP B 58 -11.16 0.42 17.59
CA ASP B 58 -12.11 0.08 16.55
C ASP B 58 -11.56 -0.93 15.56
N LEU B 59 -10.24 -1.16 15.54
CA LEU B 59 -9.57 -1.72 14.38
C LEU B 59 -8.64 -2.86 14.78
N LEU B 60 -8.37 -3.71 13.80
CA LEU B 60 -7.30 -4.69 13.87
C LEU B 60 -6.54 -4.62 12.57
N VAL B 61 -5.33 -5.17 12.57
CA VAL B 61 -4.59 -5.39 11.34
C VAL B 61 -4.41 -6.89 11.16
N ARG B 62 -4.50 -7.33 9.91
CA ARG B 62 -4.34 -8.73 9.54
C ARG B 62 -3.15 -8.80 8.58
N ILE B 63 -2.14 -9.56 8.96
CA ILE B 63 -0.87 -9.59 8.24
C ILE B 63 -0.61 -11.00 7.75
N GLY B 64 -0.04 -11.12 6.57
CA GLY B 64 0.25 -12.40 5.98
C GLY B 64 -0.88 -12.98 5.15
N LYS B 65 -1.86 -12.17 4.78
CA LYS B 65 -3.03 -12.68 4.11
C LYS B 65 -2.86 -12.80 2.60
N HIS B 66 -3.67 -13.68 2.04
CA HIS B 66 -3.83 -13.85 0.60
C HIS B 66 -5.31 -13.79 0.24
N SER B 67 -6.11 -14.72 0.77
CA SER B 67 -7.55 -14.65 0.60
C SER B 67 -8.11 -13.36 1.19
N ARG B 68 -9.08 -12.75 0.49
CA ARG B 68 -9.74 -11.55 1.02
C ARG B 68 -10.59 -11.89 2.25
N THR B 69 -11.44 -12.92 2.16
CA THR B 69 -12.48 -13.12 3.15
C THR B 69 -12.21 -14.25 4.15
N ARG B 70 -11.32 -15.18 3.83
N ARG B 70 -11.31 -15.17 3.85
CA ARG B 70 -11.07 -16.33 4.69
CA ARG B 70 -11.14 -16.32 4.71
C ARG B 70 -10.26 -15.93 5.91
C ARG B 70 -10.17 -16.04 5.86
N TYR B 71 -10.45 -16.67 7.01
CA TYR B 71 -9.52 -16.63 8.13
C TYR B 71 -8.43 -17.65 7.83
N GLU B 72 -7.22 -17.17 7.55
CA GLU B 72 -6.15 -18.01 7.02
C GLU B 72 -5.36 -18.60 8.19
N ARG B 73 -5.97 -19.60 8.80
CA ARG B 73 -5.43 -20.26 9.97
C ARG B 73 -4.01 -20.75 9.73
N ASN B 74 -3.14 -20.49 10.71
CA ASN B 74 -1.72 -20.88 10.73
C ASN B 74 -0.85 -20.07 9.78
N ILE B 75 -1.41 -19.04 9.14
CA ILE B 75 -0.69 -18.24 8.15
C ILE B 75 -0.78 -16.77 8.51
N GLU B 76 -2.00 -16.24 8.51
CA GLU B 76 -2.15 -14.85 8.89
C GLU B 76 -1.98 -14.67 10.38
N LYS B 77 -1.61 -13.44 10.75
CA LYS B 77 -1.52 -13.03 12.13
C LYS B 77 -2.34 -11.76 12.30
N ILE B 78 -3.08 -11.69 13.40
CA ILE B 78 -3.99 -10.59 13.68
C ILE B 78 -3.45 -9.84 14.89
N SER B 79 -3.29 -8.51 14.73
CA SER B 79 -2.69 -7.66 15.75
C SER B 79 -3.64 -6.54 16.15
N MET B 80 -3.62 -6.20 17.44
CA MET B 80 -4.30 -5.02 17.93
C MET B 80 -3.37 -3.80 17.84
N LEU B 81 -3.97 -2.62 17.83
CA LEU B 81 -3.24 -1.37 17.70
C LEU B 81 -2.99 -0.75 19.07
N GLU B 82 -1.75 -0.32 19.30
CA GLU B 82 -1.45 0.46 20.48
C GLU B 82 -1.78 1.94 20.27
N LYS B 83 -1.42 2.49 19.11
CA LYS B 83 -1.60 3.92 18.89
C LYS B 83 -1.59 4.24 17.40
N ILE B 84 -2.43 5.18 17.01
CA ILE B 84 -2.47 5.76 15.67
C ILE B 84 -1.80 7.13 15.71
N TYR B 85 -1.00 7.42 14.67
CA TYR B 85 -0.38 8.72 14.47
C TYR B 85 -0.69 9.20 13.07
N ILE B 86 -1.39 10.32 12.96
CA ILE B 86 -1.72 10.91 11.68
C ILE B 86 -0.84 12.12 11.45
N HIS B 87 -0.40 12.32 10.22
CA HIS B 87 0.42 13.48 9.95
C HIS B 87 -0.28 14.75 10.44
N PRO B 88 0.40 15.63 11.18
CA PRO B 88 -0.27 16.83 11.73
C PRO B 88 -0.74 17.81 10.68
N ARG B 89 -0.20 17.75 9.45
CA ARG B 89 -0.63 18.64 8.38
C ARG B 89 -1.36 17.89 7.27
N TYR B 90 -1.90 16.71 7.59
CA TYR B 90 -2.78 16.01 6.67
C TYR B 90 -3.95 16.90 6.32
N ASN B 91 -4.17 17.11 5.03
CA ASN B 91 -5.19 18.05 4.54
C ASN B 91 -6.39 17.26 4.02
N TRP B 92 -7.30 16.91 4.94
CA TRP B 92 -8.54 16.25 4.56
C TRP B 92 -9.58 17.24 4.02
N ARG B 93 -9.37 18.54 4.21
N ARG B 93 -9.37 18.54 4.20
CA ARG B 93 -10.35 19.52 3.79
CA ARG B 93 -10.36 19.51 3.77
C ARG B 93 -10.34 19.76 2.28
C ARG B 93 -10.35 19.69 2.26
N GLU B 94 -9.17 19.66 1.64
CA GLU B 94 -9.01 20.05 0.25
C GLU B 94 -8.62 18.90 -0.66
N ASN B 95 -7.37 18.41 -0.57
CA ASN B 95 -6.80 17.55 -1.60
C ASN B 95 -6.03 16.35 -1.06
N LEU B 96 -6.19 16.01 0.21
CA LEU B 96 -5.50 14.85 0.82
C LEU B 96 -3.97 15.04 0.82
N ASP B 97 -3.51 16.29 0.84
CA ASP B 97 -2.08 16.53 0.99
C ASP B 97 -1.57 15.87 2.27
N ARG B 98 -0.42 15.19 2.17
CA ARG B 98 0.23 14.54 3.30
C ARG B 98 -0.64 13.43 3.87
N ASP B 99 -1.14 12.56 2.98
CA ASP B 99 -2.11 11.49 3.32
C ASP B 99 -1.31 10.30 3.82
N ILE B 100 -0.92 10.37 5.10
CA ILE B 100 -0.04 9.34 5.66
C ILE B 100 -0.35 9.20 7.13
N ALA B 101 -0.29 7.95 7.61
CA ALA B 101 -0.47 7.65 9.02
C ALA B 101 0.34 6.41 9.38
N LEU B 102 0.73 6.35 10.64
CA LEU B 102 1.42 5.19 11.20
C LEU B 102 0.57 4.58 12.30
N MET B 103 0.66 3.25 12.41
CA MET B 103 0.00 2.50 13.47
C MET B 103 1.05 1.66 14.18
N LYS B 104 1.15 1.81 15.50
CA LYS B 104 2.04 0.98 16.30
C LYS B 104 1.24 -0.21 16.85
N LEU B 105 1.79 -1.41 16.68
CA LEU B 105 1.11 -2.61 17.14
C LEU B 105 1.32 -2.81 18.64
N LYS B 106 0.35 -3.47 19.27
CA LYS B 106 0.45 -3.73 20.70
C LYS B 106 1.62 -4.65 21.01
N LYS B 107 1.89 -5.62 20.14
CA LYS B 107 2.99 -6.55 20.33
C LYS B 107 3.65 -6.76 18.97
N PRO B 108 4.96 -7.04 18.95
CA PRO B 108 5.62 -7.30 17.67
C PRO B 108 5.08 -8.54 17.00
N VAL B 109 5.02 -8.51 15.67
CA VAL B 109 4.57 -9.64 14.87
C VAL B 109 5.78 -10.49 14.50
N ALA B 110 5.59 -11.80 14.51
CA ALA B 110 6.65 -12.71 14.09
C ALA B 110 6.71 -12.77 12.56
N PHE B 111 7.91 -12.60 12.02
CA PHE B 111 8.09 -12.74 10.59
C PHE B 111 8.02 -14.22 10.19
N SER B 112 7.71 -14.46 8.92
CA SER B 112 7.52 -15.79 8.39
C SER B 112 7.68 -15.73 6.88
N ASP B 113 7.42 -16.85 6.19
CA ASP B 113 7.44 -16.84 4.74
C ASP B 113 6.43 -15.87 4.16
N TYR B 114 5.40 -15.51 4.92
CA TYR B 114 4.26 -14.74 4.45
C TYR B 114 4.22 -13.34 5.05
N ILE B 115 5.11 -13.02 5.97
CA ILE B 115 5.08 -11.80 6.77
C ILE B 115 6.51 -11.27 6.82
N HIS B 116 6.75 -10.11 6.20
CA HIS B 116 8.10 -9.58 6.11
C HIS B 116 8.00 -8.11 5.76
N PRO B 117 8.83 -7.24 6.33
CA PRO B 117 8.69 -5.80 6.07
C PRO B 117 9.30 -5.34 4.75
N VAL B 118 8.73 -4.28 4.23
CA VAL B 118 9.25 -3.58 3.07
C VAL B 118 10.21 -2.49 3.51
N CYS B 119 11.13 -2.09 2.63
CA CYS B 119 12.03 -0.99 2.94
C CYS B 119 11.38 0.37 2.63
N LEU B 120 11.80 1.40 3.38
CA LEU B 120 11.48 2.76 3.00
C LEU B 120 12.66 3.40 2.25
N PRO B 121 12.37 4.24 1.26
CA PRO B 121 13.44 4.75 0.41
C PRO B 121 14.30 5.79 1.11
N ASP B 122 15.59 5.75 0.81
CA ASP B 122 16.49 6.85 1.07
C ASP B 122 16.40 7.85 -0.08
N ARG B 123 17.02 9.02 0.12
CA ARG B 123 16.97 10.08 -0.88
C ARG B 123 17.48 9.61 -2.23
N GLU B 124 18.58 8.85 -2.25
CA GLU B 124 19.18 8.43 -3.52
C GLU B 124 18.29 7.43 -4.26
N THR B 125 17.73 6.46 -3.55
CA THR B 125 16.83 5.51 -4.21
C THR B 125 15.60 6.24 -4.76
N ALA B 126 15.06 7.18 -3.99
CA ALA B 126 13.91 7.94 -4.48
C ALA B 126 14.26 8.73 -5.73
N ALA B 127 15.41 9.40 -5.71
CA ALA B 127 15.78 10.23 -6.86
C ALA B 127 15.99 9.36 -8.09
N SER B 128 16.57 8.18 -7.91
N SER B 128 16.55 8.16 -7.89
CA SER B 128 16.86 7.32 -9.05
CA SER B 128 16.89 7.29 -9.01
C SER B 128 15.58 6.76 -9.64
C SER B 128 15.67 6.61 -9.62
N LEU B 129 14.67 6.28 -8.81
CA LEU B 129 13.56 5.48 -9.28
C LEU B 129 12.27 6.26 -9.53
N LEU B 130 12.06 7.40 -8.90
CA LEU B 130 10.82 8.16 -9.09
C LEU B 130 10.90 9.01 -10.35
N GLN B 131 10.83 8.33 -11.48
CA GLN B 131 11.00 8.95 -12.79
C GLN B 131 9.88 8.50 -13.70
N ALA B 132 9.41 9.43 -14.54
CA ALA B 132 8.32 9.13 -15.45
C ALA B 132 8.67 7.93 -16.32
N GLY B 133 7.73 7.01 -16.44
CA GLY B 133 7.90 5.80 -17.19
C GLY B 133 8.34 4.60 -16.37
N TYR B 134 9.00 4.84 -15.23
CA TYR B 134 9.42 3.74 -14.38
C TYR B 134 8.19 3.14 -13.69
N LYS B 135 8.13 1.83 -13.64
CA LYS B 135 6.95 1.15 -13.13
C LYS B 135 7.11 0.73 -11.69
N GLY B 136 6.02 0.85 -10.94
CA GLY B 136 5.88 0.28 -9.62
C GLY B 136 4.72 -0.70 -9.60
N ARG B 137 4.49 -1.26 -8.43
CA ARG B 137 3.50 -2.31 -8.24
C ARG B 137 2.57 -1.89 -7.12
N VAL B 138 1.27 -2.03 -7.36
CA VAL B 138 0.23 -1.71 -6.39
C VAL B 138 -0.54 -2.99 -6.10
N THR B 139 -0.90 -3.19 -4.84
CA THR B 139 -1.55 -4.41 -4.40
C THR B 139 -2.71 -4.07 -3.48
N GLY B 140 -3.73 -4.91 -3.49
CA GLY B 140 -4.84 -4.71 -2.58
C GLY B 140 -6.00 -5.64 -2.85
N TRP B 141 -6.97 -5.57 -1.93
CA TRP B 141 -8.19 -6.35 -1.96
C TRP B 141 -9.43 -5.51 -2.31
N GLY B 142 -9.22 -4.33 -2.88
CA GLY B 142 -10.31 -3.43 -3.22
C GLY B 142 -11.05 -3.86 -4.46
N ASN B 143 -12.02 -3.02 -4.85
CA ASN B 143 -12.94 -3.39 -5.90
C ASN B 143 -12.24 -3.64 -7.22
N LEU B 144 -12.82 -4.55 -8.00
CA LEU B 144 -12.29 -4.90 -9.31
C LEU B 144 -12.78 -3.98 -10.42
N LYS B 145 -13.80 -3.17 -10.15
CA LYS B 145 -14.36 -2.25 -11.14
C LYS B 145 -14.89 -1.04 -10.39
N GLU B 146 -14.98 0.08 -11.10
CA GLU B 146 -15.52 1.28 -10.46
C GLU B 146 -16.97 1.08 -10.06
N THR B 147 -17.75 0.43 -10.91
CA THR B 147 -19.18 0.28 -10.68
C THR B 147 -19.52 -1.14 -10.28
N GLY B 155 -17.16 -8.19 -8.75
CA GLY B 155 -17.05 -6.93 -8.03
C GLY B 155 -15.88 -6.88 -7.06
N GLN B 156 -15.73 -7.92 -6.25
CA GLN B 156 -14.67 -7.96 -5.25
C GLN B 156 -13.86 -9.23 -5.39
N PRO B 157 -12.55 -9.17 -5.14
CA PRO B 157 -11.69 -10.30 -5.48
C PRO B 157 -11.68 -11.39 -4.41
N SER B 158 -11.42 -12.62 -4.86
CA SER B 158 -11.22 -13.73 -3.91
C SER B 158 -9.88 -13.62 -3.19
N VAL B 159 -8.82 -13.21 -3.89
CA VAL B 159 -7.49 -13.12 -3.30
C VAL B 159 -6.86 -11.77 -3.65
N LEU B 160 -5.78 -11.45 -2.94
CA LEU B 160 -5.02 -10.24 -3.18
C LEU B 160 -4.73 -10.06 -4.67
N GLN B 161 -4.92 -8.83 -5.16
CA GLN B 161 -4.67 -8.47 -6.55
C GLN B 161 -3.42 -7.60 -6.67
N VAL B 162 -2.79 -7.67 -7.84
N VAL B 162 -2.78 -7.66 -7.84
CA VAL B 162 -1.56 -6.94 -8.14
CA VAL B 162 -1.54 -6.93 -8.10
C VAL B 162 -1.72 -6.28 -9.50
C VAL B 162 -1.60 -6.33 -9.50
N VAL B 163 -1.09 -5.11 -9.64
CA VAL B 163 -0.96 -4.46 -10.96
C VAL B 163 0.31 -3.63 -10.98
N ASN B 164 1.01 -3.66 -12.11
CA ASN B 164 2.20 -2.84 -12.32
C ASN B 164 1.81 -1.63 -13.15
N LEU B 165 2.26 -0.43 -12.72
CA LEU B 165 1.83 0.81 -13.34
C LEU B 165 3.00 1.78 -13.48
N PRO B 166 3.09 2.51 -14.59
CA PRO B 166 4.17 3.49 -14.76
C PRO B 166 3.88 4.82 -14.06
N ILE B 167 4.93 5.39 -13.48
CA ILE B 167 4.87 6.77 -12.98
C ILE B 167 4.67 7.72 -14.16
N VAL B 168 3.86 8.74 -13.96
CA VAL B 168 3.47 9.68 -15.01
C VAL B 168 4.15 11.02 -14.79
N GLU B 169 4.49 11.69 -15.91
CA GLU B 169 5.08 13.01 -15.87
C GLU B 169 4.20 13.99 -15.09
N ARG B 170 4.81 14.86 -14.29
CA ARG B 170 4.00 15.71 -13.42
C ARG B 170 3.07 16.63 -14.19
N PRO B 171 3.45 17.23 -15.31
CA PRO B 171 2.48 18.08 -16.06
C PRO B 171 1.26 17.30 -16.53
N VAL B 172 1.44 16.04 -16.91
CA VAL B 172 0.31 15.20 -17.32
C VAL B 172 -0.60 14.91 -16.14
N CYS B 173 -0.01 14.59 -14.97
CA CYS B 173 -0.83 14.43 -13.77
C CYS B 173 -1.65 15.69 -13.50
N LYS B 174 -1.01 16.85 -13.56
N LYS B 174 -1.01 16.85 -13.56
CA LYS B 174 -1.69 18.10 -13.23
CA LYS B 174 -1.70 18.09 -13.23
C LYS B 174 -2.81 18.40 -14.21
C LYS B 174 -2.82 18.38 -14.21
N ASP B 175 -2.59 18.10 -15.49
CA ASP B 175 -3.56 18.41 -16.54
C ASP B 175 -4.71 17.43 -16.61
N SER B 176 -4.67 16.36 -15.80
CA SER B 176 -5.71 15.34 -15.81
C SER B 176 -6.84 15.63 -14.84
N THR B 177 -6.71 16.65 -14.01
CA THR B 177 -7.62 16.85 -12.88
C THR B 177 -7.74 18.32 -12.56
N ARG B 178 -8.82 18.68 -11.88
CA ARG B 178 -8.98 20.03 -11.34
C ARG B 178 -8.51 20.14 -9.90
N ILE B 179 -8.23 19.00 -9.26
CA ILE B 179 -7.73 18.99 -7.89
C ILE B 179 -6.29 19.50 -7.88
N ARG B 180 -5.94 20.26 -6.84
CA ARG B 180 -4.60 20.81 -6.71
C ARG B 180 -3.61 19.70 -6.29
N ILE B 181 -2.59 19.48 -7.10
CA ILE B 181 -1.55 18.50 -6.83
C ILE B 181 -0.43 19.19 -6.07
N THR B 182 0.28 18.43 -5.23
CA THR B 182 1.39 18.97 -4.46
C THR B 182 2.60 18.06 -4.63
N ASP B 183 3.76 18.57 -4.17
CA ASP B 183 5.00 17.81 -4.20
C ASP B 183 4.95 16.57 -3.30
N ASN B 184 3.95 16.47 -2.42
CA ASN B 184 3.79 15.29 -1.56
C ASN B 184 2.98 14.18 -2.23
N MET B 185 2.75 14.28 -3.53
CA MET B 185 2.00 13.31 -4.31
C MET B 185 2.75 13.02 -5.60
N PHE B 186 2.53 11.82 -6.13
CA PHE B 186 2.87 11.52 -7.52
C PHE B 186 1.72 10.72 -8.12
N CYS B 187 1.67 10.65 -9.45
CA CYS B 187 0.60 9.89 -10.07
C CYS B 187 1.17 8.81 -10.97
N ALA B 188 0.34 7.79 -11.18
CA ALA B 188 0.73 6.63 -11.97
C ALA B 188 -0.45 6.06 -12.72
N GLY B 189 -0.13 5.37 -13.80
CA GLY B 189 -1.13 4.74 -14.66
C GLY B 189 -0.74 4.89 -16.12
N TYR B 190 -1.42 4.09 -16.96
CA TYR B 190 -1.17 4.17 -18.39
C TYR B 190 -1.98 5.29 -19.03
N LYS B 191 -1.43 5.85 -20.10
CA LYS B 191 -2.13 6.86 -20.88
C LYS B 191 -3.11 6.18 -21.83
N PRO B 192 -4.13 6.91 -22.30
CA PRO B 192 -5.11 6.27 -23.18
C PRO B 192 -4.51 5.61 -24.41
N ASP B 193 -3.49 6.21 -25.01
CA ASP B 193 -2.91 5.66 -26.22
C ASP B 193 -1.95 4.50 -25.95
N GLU B 194 -1.69 4.17 -24.69
CA GLU B 194 -0.74 3.11 -24.36
C GLU B 194 -1.36 1.72 -24.42
N GLY B 195 -2.69 1.59 -24.44
CA GLY B 195 -3.31 0.29 -24.57
C GLY B 195 -3.55 -0.43 -23.26
N LYS B 196 -2.48 -0.74 -22.53
CA LYS B 196 -2.59 -1.39 -21.25
C LYS B 196 -3.36 -0.49 -20.28
N ARG B 197 -3.95 -1.10 -19.25
CA ARG B 197 -4.66 -0.30 -18.26
C ARG B 197 -4.43 -0.88 -16.87
N GLY B 198 -5.20 -0.39 -15.90
CA GLY B 198 -5.04 -0.79 -14.51
C GLY B 198 -5.03 0.40 -13.56
N ASP B 199 -5.51 0.17 -12.35
CA ASP B 199 -5.66 1.25 -11.37
C ASP B 199 -5.95 0.62 -10.02
N ALA B 200 -5.71 1.40 -8.98
CA ALA B 200 -6.30 1.12 -7.68
C ALA B 200 -7.76 1.56 -7.68
N CYS B 201 -8.52 1.06 -6.70
CA CYS B 201 -9.93 1.42 -6.56
C CYS B 201 -10.31 1.43 -5.08
N GLU B 202 -11.59 1.70 -4.81
CA GLU B 202 -12.11 1.67 -3.45
C GLU B 202 -11.71 0.39 -2.73
N GLY B 203 -11.20 0.53 -1.51
CA GLY B 203 -10.70 -0.58 -0.73
C GLY B 203 -9.22 -0.82 -0.83
N ASP B 204 -8.56 -0.28 -1.88
CA ASP B 204 -7.11 -0.35 -2.00
C ASP B 204 -6.41 0.78 -1.27
N SER B 205 -7.14 1.83 -0.87
CA SER B 205 -6.63 2.93 -0.05
C SER B 205 -5.64 2.45 0.99
N GLY B 206 -4.52 3.15 1.09
CA GLY B 206 -3.56 2.90 2.14
C GLY B 206 -2.54 1.83 1.85
N GLY B 207 -2.75 1.06 0.77
CA GLY B 207 -1.80 0.04 0.39
C GLY B 207 -0.59 0.61 -0.31
N PRO B 208 0.41 -0.22 -0.51
CA PRO B 208 1.71 0.27 -0.95
C PRO B 208 1.88 0.26 -2.46
N PHE B 209 2.60 1.27 -2.95
CA PHE B 209 3.17 1.33 -4.30
C PHE B 209 4.65 1.05 -4.13
N VAL B 210 5.11 -0.10 -4.62
CA VAL B 210 6.47 -0.56 -4.39
C VAL B 210 7.25 -0.64 -5.69
N MET B 211 8.58 -0.53 -5.57
CA MET B 211 9.50 -0.66 -6.68
C MET B 211 10.66 -1.51 -6.22
N LYS B 212 11.23 -2.29 -7.13
CA LYS B 212 12.33 -3.17 -6.80
C LYS B 212 13.61 -2.50 -7.28
N SER B 213 14.46 -2.13 -6.35
CA SER B 213 15.66 -1.41 -6.74
C SER B 213 16.55 -2.31 -7.59
N PRO B 214 16.99 -1.86 -8.77
CA PRO B 214 17.92 -2.65 -9.57
C PRO B 214 19.35 -2.57 -9.06
N PHE B 215 19.62 -1.73 -8.07
CA PHE B 215 20.95 -1.55 -7.50
C PHE B 215 21.23 -2.59 -6.42
N ASN B 216 20.24 -2.89 -5.58
CA ASN B 216 20.44 -3.79 -4.46
C ASN B 216 19.39 -4.88 -4.36
N ASN B 217 18.45 -4.92 -5.33
CA ASN B 217 17.47 -5.98 -5.46
C ASN B 217 16.54 -6.10 -4.27
N ARG B 218 16.28 -4.98 -3.58
CA ARG B 218 15.31 -4.92 -2.52
C ARG B 218 14.08 -4.11 -2.95
N TRP B 219 12.95 -4.45 -2.36
CA TRP B 219 11.71 -3.74 -2.58
C TRP B 219 11.57 -2.55 -1.63
N TYR B 220 11.22 -1.41 -2.20
CA TYR B 220 11.02 -0.16 -1.49
C TYR B 220 9.60 0.33 -1.69
N GLN B 221 9.02 0.86 -0.64
CA GLN B 221 7.70 1.48 -0.75
C GLN B 221 7.85 2.96 -1.08
N MET B 222 7.52 3.34 -2.30
CA MET B 222 7.65 4.72 -2.74
C MET B 222 6.35 5.49 -2.54
N GLY B 223 5.21 4.79 -2.51
CA GLY B 223 3.94 5.47 -2.47
C GLY B 223 2.92 4.76 -1.59
N ILE B 224 1.84 5.48 -1.31
CA ILE B 224 0.68 4.97 -0.60
C ILE B 224 -0.54 5.31 -1.45
N VAL B 225 -1.40 4.33 -1.72
CA VAL B 225 -2.64 4.58 -2.47
C VAL B 225 -3.45 5.67 -1.78
N SER B 226 -3.68 6.80 -2.46
CA SER B 226 -4.28 7.96 -1.86
C SER B 226 -5.60 8.38 -2.50
N TRP B 227 -5.62 8.78 -3.77
CA TRP B 227 -6.87 9.25 -4.34
C TRP B 227 -6.90 9.14 -5.85
N GLY B 228 -8.11 9.16 -6.38
CA GLY B 228 -8.32 9.12 -7.81
C GLY B 228 -9.75 9.48 -8.09
N GLU B 229 -10.01 9.82 -9.32
CA GLU B 229 -11.37 10.20 -9.73
C GLU B 229 -11.91 9.05 -10.58
N GLY B 230 -12.78 8.26 -10.00
CA GLY B 230 -13.14 7.00 -10.60
C GLY B 230 -12.02 5.97 -10.42
N CYS B 231 -12.15 4.87 -11.15
CA CYS B 231 -11.14 3.82 -11.20
C CYS B 231 -10.92 3.43 -12.64
N ASP B 232 -9.67 3.48 -13.09
CA ASP B 232 -9.27 3.01 -14.41
C ASP B 232 -10.01 3.75 -15.53
N ARG B 233 -10.21 5.04 -15.35
CA ARG B 233 -10.80 5.86 -16.40
C ARG B 233 -9.73 6.35 -17.36
N ASP B 234 -10.07 6.41 -18.65
CA ASP B 234 -9.12 6.94 -19.62
C ASP B 234 -8.82 8.40 -19.32
N GLY B 235 -7.54 8.75 -19.32
CA GLY B 235 -7.12 10.12 -19.09
C GLY B 235 -7.09 10.54 -17.65
N LYS B 236 -7.44 9.64 -16.73
CA LYS B 236 -7.31 9.85 -15.30
C LYS B 236 -6.18 8.97 -14.80
N TYR B 237 -5.62 9.37 -13.66
CA TYR B 237 -4.50 8.66 -13.04
C TYR B 237 -4.74 8.53 -11.55
N GLY B 238 -4.14 7.51 -10.96
CA GLY B 238 -4.19 7.38 -9.53
C GLY B 238 -3.08 8.19 -8.89
N PHE B 239 -3.38 8.76 -7.73
CA PHE B 239 -2.45 9.57 -6.98
C PHE B 239 -2.01 8.88 -5.70
N TYR B 240 -0.71 9.01 -5.41
CA TYR B 240 -0.02 8.29 -4.37
C TYR B 240 0.72 9.27 -3.47
N THR B 241 0.64 9.03 -2.16
CA THR B 241 1.44 9.79 -1.21
C THR B 241 2.92 9.50 -1.47
N HIS B 242 3.72 10.56 -1.51
CA HIS B 242 5.15 10.48 -1.83
C HIS B 242 5.87 10.17 -0.51
N VAL B 243 6.16 8.89 -0.28
CA VAL B 243 6.65 8.44 1.02
C VAL B 243 7.96 9.14 1.39
N PHE B 244 8.90 9.22 0.45
CA PHE B 244 10.17 9.83 0.77
C PHE B 244 10.02 11.28 1.26
N ARG B 245 9.14 12.06 0.62
CA ARG B 245 8.96 13.45 1.01
C ARG B 245 8.47 13.58 2.44
N LEU B 246 7.84 12.54 2.98
CA LEU B 246 7.31 12.57 4.33
C LEU B 246 8.13 11.73 5.30
N LYS B 247 9.32 11.28 4.89
CA LYS B 247 10.07 10.36 5.74
C LYS B 247 10.60 11.03 7.00
N LYS B 248 10.85 12.33 6.98
CA LYS B 248 11.32 12.99 8.21
C LYS B 248 10.27 12.89 9.31
N TRP B 249 9.00 13.00 8.94
CA TRP B 249 7.92 12.81 9.92
C TRP B 249 7.86 11.36 10.39
N ILE B 250 7.98 10.41 9.46
CA ILE B 250 7.99 9.00 9.84
C ILE B 250 9.09 8.73 10.86
N GLN B 251 10.30 9.20 10.56
CA GLN B 251 11.43 8.99 11.47
C GLN B 251 11.20 9.65 12.82
N LYS B 252 10.63 10.84 12.83
CA LYS B 252 10.37 11.53 14.10
C LYS B 252 9.41 10.71 14.96
N VAL B 253 8.32 10.22 14.36
CA VAL B 253 7.36 9.43 15.11
C VAL B 253 8.00 8.16 15.67
N ILE B 254 8.74 7.44 14.83
CA ILE B 254 9.26 6.16 15.28
C ILE B 254 10.33 6.37 16.35
N ASP B 255 11.13 7.43 16.20
CA ASP B 255 12.14 7.72 17.21
C ASP B 255 11.51 8.15 18.53
N GLN B 256 10.46 8.97 18.47
CA GLN B 256 9.84 9.50 19.69
C GLN B 256 8.98 8.47 20.38
N PHE B 257 8.41 7.54 19.62
CA PHE B 257 7.46 6.59 20.16
C PHE B 257 7.91 5.18 19.81
N ASP C 2 -20.04 -11.64 4.85
CA ASP C 2 -19.18 -11.84 3.68
C ASP C 2 -17.80 -12.38 4.08
N PHE C 3 -17.36 -12.02 5.28
CA PHE C 3 -16.08 -12.46 5.81
C PHE C 3 -16.26 -13.61 6.79
N GLU C 4 -15.34 -14.56 6.76
CA GLU C 4 -15.29 -15.61 7.77
C GLU C 4 -15.00 -15.00 9.13
N GLU C 5 -15.75 -15.46 10.14
CA GLU C 5 -15.56 -14.97 11.51
C GLU C 5 -14.12 -15.21 11.94
N ILE C 6 -13.54 -14.22 12.62
CA ILE C 6 -12.17 -14.38 13.14
C ILE C 6 -12.26 -14.89 14.57
N PRO C 7 -11.20 -15.52 15.09
CA PRO C 7 -11.24 -16.01 16.48
C PRO C 7 -11.62 -14.93 17.48
N GLU C 8 -12.46 -15.31 18.46
CA GLU C 8 -12.94 -14.36 19.45
C GLU C 8 -11.81 -13.71 20.23
N GLU C 9 -10.69 -14.40 20.40
CA GLU C 9 -9.56 -13.88 21.16
C GLU C 9 -9.10 -12.50 20.67
N TYS C 10 -9.23 -12.24 19.38
CA TYS C 10 -8.77 -10.96 18.84
CB TYS C 10 -8.48 -11.08 17.35
CG TYS C 10 -7.45 -12.15 17.10
CD1 TYS C 10 -6.14 -12.01 17.56
CD2 TYS C 10 -7.82 -13.29 16.39
CE1 TYS C 10 -5.21 -13.01 17.31
CE2 TYS C 10 -6.89 -14.29 16.15
CZ TYS C 10 -5.59 -14.14 16.61
OH TYS C 10 -4.68 -15.14 16.37
S TYS C 10 -3.74 -15.13 15.14
O1 TYS C 10 -3.02 -16.37 15.20
O2 TYS C 10 -4.46 -15.04 13.92
O3 TYS C 10 -2.70 -13.90 15.30
C TYS C 10 -9.78 -9.86 19.03
O TYS C 10 -9.44 -8.68 18.80
H TYS C 10 -9.58 -12.79 18.83
HA TYS C 10 -7.95 -10.74 19.33
HB2 TYS C 10 -8.16 -10.23 17.01
HB3 TYS C 10 -9.30 -11.30 16.88
HD1 TYS C 10 -5.90 -11.25 18.04
HD2 TYS C 10 -8.69 -13.38 16.08
HE1 TYS C 10 -4.34 -12.92 17.63
HE2 TYS C 10 -7.14 -15.05 15.68
HO3 TYS C 10 -1.98 -13.90 14.83
N LEU C 11 -11.00 -10.22 19.41
CA LEU C 11 -12.05 -9.22 19.59
C LEU C 11 -12.27 -8.87 21.05
N GLN C 12 -11.57 -9.56 21.95
CA GLN C 12 -11.74 -9.33 23.38
C GLN C 12 -11.13 -7.99 23.79
NA NA D . -5.40 20.70 -13.83
NA NA E . -6.57 5.85 -16.27
P PO4 F . -1.78 22.57 2.41
O1 PO4 F . -1.97 21.81 3.72
O2 PO4 F . -2.07 21.49 1.37
O3 PO4 F . -0.34 23.04 2.34
O4 PO4 F . -2.79 23.68 2.32
S DMS G . 7.56 11.88 -10.10
O DMS G . 6.37 12.75 -9.87
C1 DMS G . 7.88 11.94 -11.90
C2 DMS G . 9.00 12.86 -9.57
C1 GOL H . 0.01 26.24 3.23
O1 GOL H . 0.87 25.11 3.28
C2 GOL H . 0.48 27.31 4.26
O2 GOL H . 1.84 27.66 4.16
C3 GOL H . 0.13 26.77 5.66
O3 GOL H . 0.45 27.82 6.53
C11 O5Z I . -10.65 9.15 -0.23
C13 O5Z I . -10.27 7.73 -2.29
C14 O5Z I . -9.09 5.71 -2.98
C16 O5Z I . -8.97 5.30 -5.55
C17 O5Z I . -7.87 5.32 -6.46
N O5Z I . -12.56 10.52 -5.55
C O5Z I . -11.98 11.22 -4.38
O O5Z I . -10.18 9.64 -4.33
C1 O5Z I . -11.23 12.47 -4.88
C10 O5Z I . -11.37 10.46 -0.05
C12 O5Z I . -10.17 9.14 -1.69
C15 O5Z I . -8.48 5.62 -4.34
C18 O5Z I . -6.75 5.65 -5.74
C2 O5Z I . -10.67 13.36 -3.81
C3 O5Z I . -9.31 13.63 -3.76
C4 O5Z I . -8.78 14.43 -2.76
C5 O5Z I . -9.62 15.00 -1.81
C6 O5Z I . -10.97 14.75 -1.85
C7 O5Z I . -11.50 13.93 -2.85
C8 O5Z I . -11.00 10.25 -3.67
C9 O5Z I . -12.04 10.69 -1.40
N1 O5Z I . -11.10 10.08 -2.34
N2 O5Z I . -9.12 7.06 -2.44
O1 O5Z I . -11.37 7.27 -2.60
O2 O5Z I . -7.10 5.84 -4.43
BR O5Z I . -4.91 5.87 -6.14
S DMS J . -16.51 19.06 -14.87
O DMS J . -15.30 19.06 -14.00
C1 DMS J . -16.37 17.80 -16.15
C2 DMS J . -17.90 18.37 -13.91
C1 NAG K . -11.35 12.52 15.73
C2 NAG K . -11.40 14.06 15.89
C3 NAG K . -10.63 14.51 17.13
C4 NAG K . -10.99 13.71 18.36
C5 NAG K . -10.88 12.21 18.07
C6 NAG K . -11.35 11.34 19.22
C7 NAG K . -11.64 15.43 13.85
C8 NAG K . -10.90 16.07 12.71
N2 NAG K . -10.88 14.72 14.71
O3 NAG K . -10.91 15.89 17.36
O4 NAG K . -10.11 14.03 19.43
O5 NAG K . -11.71 11.90 16.95
O7 NAG K . -12.85 15.53 13.99
C1 GOL L . 21.47 0.37 -2.51
O1 GOL L . 21.43 1.31 -3.48
C2 GOL L . 21.89 1.08 -1.20
O2 GOL L . 21.64 0.27 -0.08
C3 GOL L . 21.10 2.43 -1.19
O3 GOL L . 21.86 3.37 -1.93
#